data_4OFU
#
_entry.id   4OFU
#
_cell.length_a   56.018
_cell.length_b   66.520
_cell.length_c   70.749
_cell.angle_alpha   90.00
_cell.angle_beta   90.00
_cell.angle_gamma   90.00
#
_symmetry.space_group_name_H-M   'P 21 21 21'
#
loop_
_entity.id
_entity.type
_entity.pdbx_description
1 polymer 'Androgen receptor'
2 polymer 'co-regulator peptide'
3 non-polymer 5-ALPHA-DIHYDROTESTOSTERONE
4 water water
#
loop_
_entity_poly.entity_id
_entity_poly.type
_entity_poly.pdbx_seq_one_letter_code
_entity_poly.pdbx_strand_id
1 'polypeptide(L)'
;QPIFLNVLEAIEPGVVCAGHDNNQPDSFAALLSSLNELGERQLVHVVKWAKALPGFRNLHVDDQMAVIQYSWMGLMVFAM
GWRSFTNVNSAMLYFAPDLVFNEYRMHKSRMYSQCVRMRHLSQEFGWLQITPQEFLCMKALLLFSIIPVDGLKNQKFFDE
LRMNYIKELDRIIACKRKNPTSCSRRFYQLTKLLDSVQPIARELHQFTFDLLIKSHMVSVDFPEMMAEIISVQVPKILSG
KVKPIYFHTQ
;
A
2 'polypeptide(L)' SDSAFSRYYTRS B
#
# COMPACT_ATOMS: atom_id res chain seq x y z
N PRO A 2 9.03 10.01 -21.50
CA PRO A 2 10.09 10.64 -20.72
C PRO A 2 10.76 9.63 -19.84
N ILE A 3 11.90 10.03 -19.35
CA ILE A 3 12.73 9.12 -18.63
C ILE A 3 11.96 8.60 -17.38
N PHE A 4 11.16 9.47 -16.80
CA PHE A 4 10.52 9.19 -15.53
C PHE A 4 9.60 7.97 -15.61
N LEU A 5 8.74 7.98 -16.61
CA LEU A 5 7.82 6.89 -16.84
C LEU A 5 8.53 5.60 -17.25
N ASN A 6 9.56 5.74 -18.08
CA ASN A 6 10.36 4.62 -18.51
C ASN A 6 10.72 3.87 -17.25
N VAL A 7 11.21 4.61 -16.24
CA VAL A 7 11.73 4.00 -15.01
C VAL A 7 10.59 3.33 -14.25
N LEU A 8 9.43 3.97 -14.15
CA LEU A 8 8.40 3.43 -13.28
C LEU A 8 7.93 2.12 -13.83
N GLU A 9 7.77 2.07 -15.16
CA GLU A 9 7.39 0.83 -15.87
C GLU A 9 8.46 -0.25 -15.76
N ALA A 10 9.72 0.12 -15.89
CA ALA A 10 10.83 -0.85 -15.79
C ALA A 10 10.88 -1.49 -14.40
N ILE A 11 10.60 -0.71 -13.34
CA ILE A 11 10.86 -1.22 -11.98
C ILE A 11 9.64 -1.84 -11.35
N GLU A 12 8.50 -1.76 -12.04
CA GLU A 12 7.25 -2.26 -11.47
C GLU A 12 7.35 -3.74 -11.13
N PRO A 13 6.90 -4.14 -9.93
CA PRO A 13 7.10 -5.52 -9.54
C PRO A 13 6.16 -6.41 -10.31
N GLY A 14 6.57 -7.65 -10.55
CA GLY A 14 5.70 -8.64 -11.15
C GLY A 14 4.77 -9.30 -10.15
N VAL A 15 4.36 -10.53 -10.46
CA VAL A 15 3.43 -11.36 -9.70
C VAL A 15 4.00 -11.89 -8.39
N VAL A 16 3.21 -11.74 -7.32
CA VAL A 16 3.60 -12.22 -6.00
C VAL A 16 2.50 -13.18 -5.54
N CYS A 17 2.87 -14.44 -5.28
CA CYS A 17 1.90 -15.41 -4.79
C CYS A 17 1.92 -15.34 -3.25
N ALA A 18 0.81 -15.73 -2.59
CA ALA A 18 0.65 -15.71 -1.14
C ALA A 18 1.14 -17.01 -0.48
N GLY A 19 1.17 -18.11 -1.26
CA GLY A 19 1.46 -19.46 -0.81
C GLY A 19 0.23 -20.07 -0.14
N HIS A 20 -0.97 -19.58 -0.47
CA HIS A 20 -2.19 -20.03 0.22
C HIS A 20 -2.56 -21.44 -0.24
N ASP A 21 -2.90 -22.30 0.74
CA ASP A 21 -3.43 -23.65 0.45
C ASP A 21 -4.92 -23.53 0.19
N ASN A 22 -5.28 -23.46 -1.09
CA ASN A 22 -6.70 -23.35 -1.45
C ASN A 22 -7.48 -24.68 -1.22
N ASN A 23 -6.83 -25.73 -0.72
CA ASN A 23 -7.59 -26.95 -0.36
C ASN A 23 -8.23 -26.87 0.98
N GLN A 24 -7.58 -26.20 1.91
CA GLN A 24 -8.14 -26.07 3.23
C GLN A 24 -9.41 -25.20 3.17
N PRO A 25 -10.34 -25.46 4.09
CA PRO A 25 -11.51 -24.62 4.10
C PRO A 25 -11.18 -23.18 4.52
N ASP A 26 -11.93 -22.24 3.97
CA ASP A 26 -11.79 -20.89 4.34
C ASP A 26 -11.98 -20.75 5.83
N SER A 27 -10.94 -20.43 6.57
CA SER A 27 -11.07 -20.05 7.97
C SER A 27 -10.50 -18.66 8.15
N PHE A 28 -10.95 -17.98 9.21
CA PHE A 28 -10.35 -16.72 9.57
C PHE A 28 -8.85 -16.93 9.75
N ALA A 29 -8.44 -17.98 10.44
CA ALA A 29 -7.02 -18.12 10.75
C ALA A 29 -6.18 -18.37 9.51
N ALA A 30 -6.62 -19.26 8.63
CA ALA A 30 -5.98 -19.57 7.36
C ALA A 30 -5.91 -18.35 6.44
N LEU A 31 -7.05 -17.67 6.27
CA LEU A 31 -7.14 -16.54 5.33
C LEU A 31 -6.22 -15.43 5.86
N LEU A 32 -6.31 -15.16 7.17
CA LEU A 32 -5.50 -14.11 7.74
C LEU A 32 -4.02 -14.45 7.73
N SER A 33 -3.66 -15.69 8.02
CA SER A 33 -2.25 -16.03 7.98
C SER A 33 -1.65 -15.93 6.58
N SER A 34 -2.36 -16.41 5.57
CA SER A 34 -1.86 -16.30 4.22
C SER A 34 -1.78 -14.82 3.79
N LEU A 35 -2.67 -13.96 4.30
CA LEU A 35 -2.59 -12.52 3.93
C LEU A 35 -1.35 -11.92 4.58
N ASN A 36 -1.13 -12.34 5.81
CA ASN A 36 0.07 -11.89 6.50
C ASN A 36 1.30 -12.34 5.78
N GLU A 37 1.24 -13.53 5.23
CA GLU A 37 2.47 -13.99 4.53
C GLU A 37 2.59 -13.24 3.18
N LEU A 38 1.47 -13.05 2.48
CA LEU A 38 1.48 -12.13 1.29
C LEU A 38 2.14 -10.80 1.64
N GLY A 39 1.82 -10.25 2.79
CA GLY A 39 2.42 -8.96 3.15
C GLY A 39 3.95 -8.98 3.29
N GLU A 40 4.48 -10.01 3.91
CA GLU A 40 5.91 -10.06 4.15
C GLU A 40 6.63 -10.14 2.76
N ARG A 41 6.08 -10.94 1.87
CA ARG A 41 6.67 -11.14 0.57
C ARG A 41 6.46 -9.88 -0.28
N GLN A 42 5.31 -9.25 -0.16
CA GLN A 42 5.17 -8.01 -0.93
C GLN A 42 6.06 -6.97 -0.32
N LEU A 43 6.30 -7.03 1.00
CA LEU A 43 7.20 -6.04 1.60
C LEU A 43 8.61 -6.07 0.92
N VAL A 44 9.09 -7.26 0.60
CA VAL A 44 10.43 -7.39 -0.02
C VAL A 44 10.47 -6.65 -1.37
N HIS A 45 9.44 -6.85 -2.17
CA HIS A 45 9.32 -6.23 -3.50
C HIS A 45 9.15 -4.74 -3.38
N VAL A 46 8.33 -4.30 -2.43
CA VAL A 46 8.21 -2.87 -2.18
C VAL A 46 9.55 -2.29 -1.86
N VAL A 47 10.36 -3.00 -1.07
CA VAL A 47 11.67 -2.44 -0.73
C VAL A 47 12.54 -2.25 -2.02
N LYS A 48 12.56 -3.27 -2.85
CA LYS A 48 13.50 -3.26 -3.97
C LYS A 48 13.00 -2.24 -5.02
N TRP A 49 11.69 -2.24 -5.24
CA TRP A 49 11.03 -1.16 -6.07
C TRP A 49 11.42 0.21 -5.58
N ALA A 50 11.25 0.46 -4.28
CA ALA A 50 11.49 1.82 -3.78
C ALA A 50 12.93 2.31 -3.95
N LYS A 51 13.89 1.44 -3.62
CA LYS A 51 15.30 1.78 -3.77
C LYS A 51 15.62 2.14 -5.22
N ALA A 52 14.89 1.62 -6.17
CA ALA A 52 15.16 1.87 -7.60
C ALA A 52 14.39 3.08 -8.11
N LEU A 53 13.59 3.72 -7.25
CA LEU A 53 12.77 4.87 -7.67
C LEU A 53 13.64 6.12 -7.97
N PRO A 54 13.30 6.97 -9.00
CA PRO A 54 14.05 8.21 -9.25
C PRO A 54 14.19 9.17 -8.03
N GLY A 55 15.41 9.62 -7.72
CA GLY A 55 15.68 10.44 -6.55
C GLY A 55 15.58 9.82 -5.15
N PHE A 56 15.04 8.61 -5.01
CA PHE A 56 14.80 8.02 -3.67
C PHE A 56 16.05 7.94 -2.75
N ARG A 57 17.20 7.54 -3.34
CA ARG A 57 18.52 7.52 -2.66
C ARG A 57 19.00 8.89 -2.20
N ASN A 58 18.30 9.96 -2.61
CA ASN A 58 18.49 11.28 -2.08
C ASN A 58 18.09 11.42 -0.63
N LEU A 59 17.23 10.54 -0.12
CA LEU A 59 16.72 10.72 1.23
C LEU A 59 17.75 10.21 2.19
N HIS A 60 17.80 10.78 3.38
CA HIS A 60 18.61 10.14 4.41
C HIS A 60 18.13 8.69 4.51
N VAL A 61 19.05 7.74 4.71
CA VAL A 61 18.70 6.33 4.87
C VAL A 61 17.57 6.04 5.85
N ASP A 62 17.53 6.71 6.99
CA ASP A 62 16.46 6.42 7.96
C ASP A 62 15.11 6.90 7.44
N ASP A 63 15.14 8.00 6.71
CA ASP A 63 13.92 8.52 6.05
C ASP A 63 13.42 7.54 5.00
N GLN A 64 14.36 6.96 4.24
CA GLN A 64 14.07 5.92 3.27
C GLN A 64 13.38 4.79 3.93
N MET A 65 13.86 4.37 5.07
CA MET A 65 13.25 3.26 5.72
C MET A 65 11.96 3.69 6.40
N ALA A 66 11.98 4.82 7.06
CA ALA A 66 10.76 5.28 7.75
C ALA A 66 9.56 5.31 6.75
N VAL A 67 9.79 5.90 5.59
CA VAL A 67 8.70 6.20 4.62
C VAL A 67 8.14 4.88 4.08
N ILE A 68 9.04 3.90 3.89
CA ILE A 68 8.58 2.57 3.52
C ILE A 68 7.71 1.91 4.61
N GLN A 69 8.17 1.98 5.85
CA GLN A 69 7.50 1.31 6.94
C GLN A 69 6.16 1.95 7.32
N TYR A 70 5.96 3.18 6.88
CA TYR A 70 4.70 3.92 7.11
C TYR A 70 3.71 3.77 5.97
N SER A 71 4.19 3.64 4.74
CA SER A 71 3.31 3.73 3.61
C SER A 71 2.99 2.40 2.94
N TRP A 72 3.56 1.26 3.39
CA TRP A 72 3.38 0.00 2.66
C TRP A 72 1.94 -0.43 2.58
N MET A 73 1.13 -0.19 3.62
CA MET A 73 -0.26 -0.52 3.55
C MET A 73 -1.02 0.15 2.39
N GLY A 74 -0.91 1.48 2.29
CA GLY A 74 -1.60 2.22 1.20
C GLY A 74 -1.06 1.75 -0.14
N LEU A 75 0.27 1.67 -0.24
CA LEU A 75 0.91 1.18 -1.47
C LEU A 75 0.34 -0.10 -1.90
N MET A 76 0.43 -1.10 -1.02
CA MET A 76 -0.10 -2.41 -1.38
C MET A 76 -1.61 -2.44 -1.65
N VAL A 77 -2.38 -1.69 -0.89
CA VAL A 77 -3.84 -1.68 -1.14
C VAL A 77 -4.12 -1.11 -2.50
N PHE A 78 -3.44 -0.05 -2.88
CA PHE A 78 -3.60 0.61 -4.17
C PHE A 78 -3.33 -0.34 -5.34
N ALA A 79 -2.23 -1.10 -5.22
CA ALA A 79 -1.80 -2.01 -6.26
C ALA A 79 -2.73 -3.19 -6.37
N MET A 80 -3.30 -3.61 -5.25
CA MET A 80 -4.20 -4.74 -5.27
C MET A 80 -5.54 -4.29 -5.92
N GLY A 81 -5.99 -3.10 -5.56
CA GLY A 81 -7.13 -2.45 -6.22
C GLY A 81 -6.97 -2.51 -7.72
N TRP A 82 -5.77 -2.13 -8.24
CA TRP A 82 -5.47 -2.14 -9.68
C TRP A 82 -5.54 -3.52 -10.28
N ARG A 83 -4.81 -4.47 -9.68
CA ARG A 83 -4.89 -5.91 -10.02
C ARG A 83 -6.34 -6.38 -10.07
N SER A 84 -7.10 -6.05 -9.01
CA SER A 84 -8.46 -6.49 -8.94
C SER A 84 -9.16 -5.93 -10.17
N PHE A 85 -8.97 -4.66 -10.42
CA PHE A 85 -9.62 -4.03 -11.57
C PHE A 85 -9.20 -4.66 -12.87
N THR A 86 -7.91 -4.81 -13.09
CA THR A 86 -7.51 -5.33 -14.39
C THR A 86 -7.67 -6.84 -14.57
N ASN A 87 -7.82 -7.62 -13.50
CA ASN A 87 -7.89 -9.08 -13.62
C ASN A 87 -9.31 -9.58 -13.61
N VAL A 88 -10.05 -9.11 -12.63
CA VAL A 88 -11.38 -9.61 -12.41
C VAL A 88 -12.40 -8.47 -12.46
N ASN A 89 -12.03 -7.38 -13.14
CA ASN A 89 -12.90 -6.21 -13.25
C ASN A 89 -13.57 -5.77 -11.97
N SER A 90 -12.83 -5.85 -10.86
CA SER A 90 -13.30 -5.41 -9.54
C SER A 90 -14.39 -6.30 -8.90
N ALA A 91 -14.77 -7.44 -9.51
CA ALA A 91 -15.81 -8.32 -8.90
C ALA A 91 -15.27 -8.93 -7.60
N MET A 92 -13.98 -9.28 -7.63
CA MET A 92 -13.29 -9.81 -6.45
C MET A 92 -11.97 -9.12 -6.14
N LEU A 93 -11.50 -9.31 -4.92
CA LEU A 93 -10.28 -8.68 -4.48
C LEU A 93 -9.12 -9.63 -4.79
N TYR A 94 -8.28 -9.22 -5.74
CA TYR A 94 -7.18 -10.05 -6.32
C TYR A 94 -5.85 -9.89 -5.52
N PHE A 95 -5.92 -10.27 -4.27
CA PHE A 95 -4.72 -10.13 -3.44
C PHE A 95 -3.52 -10.77 -4.12
N ALA A 96 -3.75 -11.91 -4.77
CA ALA A 96 -2.67 -12.69 -5.43
C ALA A 96 -3.40 -13.68 -6.32
N PRO A 97 -2.66 -14.32 -7.27
CA PRO A 97 -3.28 -15.30 -8.13
C PRO A 97 -3.78 -16.49 -7.35
N ASP A 98 -3.12 -16.84 -6.24
CA ASP A 98 -3.55 -17.95 -5.37
C ASP A 98 -4.31 -17.47 -4.13
N LEU A 99 -4.73 -16.20 -4.15
CA LEU A 99 -5.51 -15.66 -3.02
C LEU A 99 -6.53 -14.60 -3.48
N VAL A 100 -7.62 -15.08 -4.05
CA VAL A 100 -8.63 -14.16 -4.60
C VAL A 100 -9.83 -14.17 -3.65
N PHE A 101 -10.25 -13.01 -3.13
CA PHE A 101 -11.42 -12.98 -2.21
C PHE A 101 -12.73 -12.83 -2.97
N ASN A 102 -13.59 -13.81 -2.78
CA ASN A 102 -14.95 -13.64 -3.14
C ASN A 102 -15.70 -13.12 -1.89
N GLU A 103 -17.01 -12.91 -2.01
CA GLU A 103 -17.75 -12.33 -0.89
C GLU A 103 -17.72 -13.19 0.32
N TYR A 104 -17.68 -14.49 0.12
CA TYR A 104 -17.65 -15.39 1.23
C TYR A 104 -16.39 -15.21 2.01
N ARG A 105 -15.28 -15.07 1.32
CA ARG A 105 -14.03 -14.81 1.98
C ARG A 105 -13.94 -13.44 2.61
N MET A 106 -14.55 -12.44 2.00
CA MET A 106 -14.61 -11.11 2.59
C MET A 106 -15.32 -11.21 3.90
N HIS A 107 -16.34 -12.04 3.94
CA HIS A 107 -17.00 -12.33 5.20
C HIS A 107 -16.14 -13.17 6.17
N LYS A 108 -15.55 -14.24 5.68
CA LYS A 108 -14.84 -15.13 6.60
C LYS A 108 -13.61 -14.52 7.24
N SER A 109 -13.03 -13.53 6.56
CA SER A 109 -11.87 -12.77 7.08
C SER A 109 -12.20 -11.79 8.21
N ARG A 110 -13.49 -11.55 8.45
CA ARG A 110 -13.95 -10.64 9.50
C ARG A 110 -13.50 -9.24 9.14
N MET A 111 -13.29 -8.99 7.84
CA MET A 111 -12.83 -7.68 7.40
C MET A 111 -13.77 -7.15 6.36
N TYR A 112 -15.04 -7.51 6.47
CA TYR A 112 -15.92 -7.34 5.31
C TYR A 112 -16.05 -5.87 4.94
N SER A 113 -16.24 -4.99 5.93
CA SER A 113 -16.47 -3.58 5.58
C SER A 113 -15.19 -3.03 4.99
N GLN A 114 -14.04 -3.47 5.51
CA GLN A 114 -12.79 -2.98 4.94
C GLN A 114 -12.69 -3.42 3.53
N CYS A 115 -13.11 -4.67 3.28
CA CYS A 115 -13.03 -5.26 1.93
C CYS A 115 -13.93 -4.51 0.95
N VAL A 116 -15.09 -4.07 1.44
CA VAL A 116 -16.04 -3.32 0.63
C VAL A 116 -15.41 -2.02 0.12
N ARG A 117 -14.78 -1.31 1.04
CA ARG A 117 -13.98 -0.15 0.71
C ARG A 117 -12.90 -0.42 -0.34
N MET A 118 -12.15 -1.50 -0.19
CA MET A 118 -11.12 -1.79 -1.21
C MET A 118 -11.74 -2.09 -2.59
N ARG A 119 -12.77 -2.91 -2.60
CA ARG A 119 -13.52 -3.14 -3.84
C ARG A 119 -14.05 -1.81 -4.43
N HIS A 120 -14.54 -0.94 -3.56
CA HIS A 120 -14.95 0.38 -4.04
C HIS A 120 -13.77 1.15 -4.69
N LEU A 121 -12.62 1.13 -4.03
CA LEU A 121 -11.39 1.72 -4.59
C LEU A 121 -11.16 1.14 -5.97
N SER A 122 -11.23 -0.18 -6.04
CA SER A 122 -10.88 -0.90 -7.26
C SER A 122 -11.88 -0.50 -8.33
N GLN A 123 -13.10 -0.32 -7.91
CA GLN A 123 -14.17 0.09 -8.84
C GLN A 123 -13.83 1.42 -9.44
N GLU A 124 -13.28 2.30 -8.61
CA GLU A 124 -12.83 3.61 -9.07
C GLU A 124 -11.86 3.59 -10.27
N PHE A 125 -10.96 2.63 -10.33
CA PHE A 125 -10.04 2.61 -11.44
C PHE A 125 -10.86 2.51 -12.70
N GLY A 126 -12.02 1.85 -12.61
CA GLY A 126 -12.87 1.68 -13.79
C GLY A 126 -13.68 2.94 -14.08
N TRP A 127 -14.45 3.38 -13.09
CA TRP A 127 -15.27 4.58 -13.13
C TRP A 127 -14.50 5.79 -13.62
N LEU A 128 -13.23 5.93 -13.19
CA LEU A 128 -12.42 7.09 -13.64
C LEU A 128 -11.59 6.81 -14.89
N GLN A 129 -11.71 5.64 -15.50
CA GLN A 129 -10.82 5.32 -16.67
C GLN A 129 -9.30 5.65 -16.41
N ILE A 130 -8.82 5.31 -15.22
CA ILE A 130 -7.39 5.48 -14.88
C ILE A 130 -6.52 4.70 -15.85
N THR A 131 -5.47 5.34 -16.39
CA THR A 131 -4.57 4.63 -17.28
C THR A 131 -3.44 3.95 -16.48
N PRO A 132 -2.70 2.99 -17.12
CA PRO A 132 -1.56 2.32 -16.47
C PRO A 132 -0.55 3.34 -15.98
N GLN A 133 -0.37 4.43 -16.74
CA GLN A 133 0.64 5.43 -16.43
C GLN A 133 0.24 6.30 -15.24
N GLU A 134 -1.06 6.57 -15.13
CA GLU A 134 -1.57 7.36 -14.06
C GLU A 134 -1.50 6.51 -12.80
N PHE A 135 -1.89 5.23 -12.90
CA PHE A 135 -1.70 4.25 -11.82
C PHE A 135 -0.25 4.29 -11.28
N LEU A 136 0.71 4.19 -12.19
CA LEU A 136 2.11 3.99 -11.81
C LEU A 136 2.59 5.23 -11.08
N CYS A 137 2.20 6.38 -11.58
CA CYS A 137 2.60 7.61 -10.94
C CYS A 137 1.90 7.91 -9.60
N MET A 138 0.60 7.71 -9.54
CA MET A 138 -0.12 7.71 -8.30
C MET A 138 0.52 6.76 -7.27
N LYS A 139 0.91 5.57 -7.68
CA LYS A 139 1.40 4.62 -6.69
C LYS A 139 2.72 5.15 -6.14
N ALA A 140 3.60 5.67 -7.02
CA ALA A 140 4.88 6.21 -6.56
C ALA A 140 4.65 7.26 -5.46
N LEU A 141 3.71 8.18 -5.73
CA LEU A 141 3.35 9.21 -4.75
C LEU A 141 2.82 8.70 -3.39
N LEU A 142 2.09 7.60 -3.37
CA LEU A 142 1.65 7.04 -2.12
C LEU A 142 2.87 6.71 -1.21
N LEU A 143 4.05 6.51 -1.80
CA LEU A 143 5.29 6.25 -0.93
C LEU A 143 5.68 7.53 -0.17
N PHE A 144 5.26 8.69 -0.72
CA PHE A 144 5.63 9.96 -0.10
C PHE A 144 4.39 10.66 0.47
N SER A 145 3.49 9.83 0.98
CA SER A 145 2.21 10.29 1.45
C SER A 145 1.95 10.13 2.92
N ILE A 146 2.95 9.71 3.69
CA ILE A 146 2.74 9.66 5.15
C ILE A 146 4.04 9.86 5.98
N ILE A 147 4.06 10.88 6.84
CA ILE A 147 5.29 11.28 7.52
C ILE A 147 5.05 11.62 9.00
N PRO A 148 6.10 11.56 9.84
CA PRO A 148 5.85 11.95 11.22
C PRO A 148 5.48 13.42 11.26
N VAL A 149 4.58 13.72 12.19
CA VAL A 149 4.12 15.08 12.45
C VAL A 149 5.30 15.99 12.81
N ASP A 150 6.33 15.44 13.45
CA ASP A 150 7.54 16.21 13.75
C ASP A 150 8.54 16.30 12.63
N GLY A 151 8.19 15.78 11.46
CA GLY A 151 9.08 15.84 10.30
C GLY A 151 10.11 14.73 10.25
N LEU A 152 10.81 14.67 9.12
CA LEU A 152 11.79 13.63 8.89
C LEU A 152 13.18 14.07 9.27
N LYS A 153 14.12 13.12 9.30
CA LYS A 153 15.54 13.45 9.45
C LYS A 153 16.01 14.57 8.48
N ASN A 154 15.88 14.41 7.17
CA ASN A 154 16.12 15.55 6.27
C ASN A 154 14.83 15.89 5.60
N GLN A 155 14.06 16.73 6.25
CA GLN A 155 12.78 17.08 5.68
C GLN A 155 12.87 17.71 4.26
N LYS A 156 13.91 18.49 3.97
CA LYS A 156 13.98 19.28 2.70
C LYS A 156 14.04 18.41 1.45
N PHE A 157 14.88 17.39 1.49
CA PHE A 157 14.97 16.36 0.45
C PHE A 157 13.65 15.61 0.22
N PHE A 158 12.92 15.30 1.30
CA PHE A 158 11.64 14.68 1.19
C PHE A 158 10.68 15.64 0.48
N ASP A 159 10.65 16.90 0.89
CA ASP A 159 9.65 17.83 0.34
C ASP A 159 9.84 17.98 -1.19
N GLU A 160 11.08 18.03 -1.60
CA GLU A 160 11.48 18.29 -2.96
C GLU A 160 11.21 17.08 -3.87
N LEU A 161 11.60 15.89 -3.38
CA LEU A 161 11.15 14.62 -3.99
C LEU A 161 9.65 14.53 -4.18
N ARG A 162 8.87 14.74 -3.09
CA ARG A 162 7.43 14.59 -3.17
C ARG A 162 6.83 15.62 -4.19
N MET A 163 7.34 16.82 -4.17
CA MET A 163 6.96 17.89 -5.13
C MET A 163 7.18 17.41 -6.54
N ASN A 164 8.33 16.78 -6.80
CA ASN A 164 8.67 16.32 -8.14
C ASN A 164 7.76 15.23 -8.62
N TYR A 165 7.38 14.34 -7.71
CA TYR A 165 6.43 13.28 -8.05
C TYR A 165 5.00 13.82 -8.35
N ILE A 166 4.63 14.90 -7.70
CA ILE A 166 3.36 15.55 -7.96
C ILE A 166 3.46 16.13 -9.38
N LYS A 167 4.59 16.71 -9.68
CA LYS A 167 4.80 17.40 -10.95
C LYS A 167 4.67 16.37 -12.09
N GLU A 168 5.28 15.21 -11.87
CA GLU A 168 5.22 14.11 -12.80
C GLU A 168 3.82 13.58 -13.04
N LEU A 169 3.01 13.53 -11.99
CA LEU A 169 1.63 13.09 -12.15
C LEU A 169 0.82 14.12 -12.94
N ASP A 170 0.98 15.40 -12.62
CA ASP A 170 0.37 16.44 -13.44
C ASP A 170 0.84 16.36 -14.92
N ARG A 171 2.11 16.00 -15.13
CA ARG A 171 2.71 15.97 -16.48
C ARG A 171 2.07 14.87 -17.32
N ILE A 172 1.99 13.68 -16.74
CA ILE A 172 1.44 12.54 -17.45
C ILE A 172 -0.09 12.56 -17.50
N ILE A 173 -0.68 13.57 -16.87
CA ILE A 173 -2.06 13.95 -17.14
C ILE A 173 -2.10 14.75 -18.47
N ALA A 174 -1.16 15.69 -18.64
CA ALA A 174 -1.15 16.66 -19.74
C ALA A 174 0.09 16.57 -20.62
N SER A 182 -11.30 20.39 -16.95
CA SER A 182 -10.90 20.44 -18.34
C SER A 182 -9.53 19.76 -18.54
N CYS A 183 -9.18 18.91 -17.58
CA CYS A 183 -7.83 18.40 -17.26
C CYS A 183 -7.55 18.88 -15.84
N SER A 184 -8.33 19.84 -15.46
CA SER A 184 -8.43 20.40 -14.13
C SER A 184 -9.24 19.45 -13.26
N ARG A 185 -10.43 19.08 -13.71
CA ARG A 185 -11.24 18.13 -12.94
C ARG A 185 -10.47 16.80 -12.71
N ARG A 186 -9.62 16.44 -13.68
CA ARG A 186 -8.87 15.18 -13.71
C ARG A 186 -8.00 15.08 -12.45
N PHE A 187 -7.05 16.00 -12.39
CA PHE A 187 -6.19 16.19 -11.24
C PHE A 187 -7.00 16.29 -9.93
N TYR A 188 -8.09 17.10 -9.90
CA TYR A 188 -8.95 17.09 -8.71
C TYR A 188 -9.31 15.67 -8.39
N GLN A 189 -9.74 14.95 -9.44
CA GLN A 189 -10.24 13.61 -9.23
C GLN A 189 -9.16 12.61 -8.80
N LEU A 190 -8.02 12.59 -9.47
CA LEU A 190 -6.91 11.71 -9.06
C LEU A 190 -6.39 11.92 -7.60
N THR A 191 -6.26 13.18 -7.19
CA THR A 191 -5.83 13.54 -5.82
C THR A 191 -6.83 13.10 -4.77
N LYS A 192 -8.08 13.32 -5.12
CA LYS A 192 -9.18 12.82 -4.36
C LYS A 192 -9.14 11.28 -4.13
N LEU A 193 -8.96 10.54 -5.21
CA LEU A 193 -8.75 9.09 -5.19
C LEU A 193 -7.56 8.77 -4.30
N LEU A 194 -6.42 9.40 -4.56
CA LEU A 194 -5.25 9.24 -3.70
C LEU A 194 -5.58 9.46 -2.24
N ASP A 195 -6.25 10.55 -1.90
CA ASP A 195 -6.74 10.73 -0.51
C ASP A 195 -7.57 9.61 0.01
N SER A 196 -8.45 9.07 -0.82
CA SER A 196 -9.34 8.00 -0.35
C SER A 196 -8.61 6.71 0.03
N VAL A 197 -7.38 6.54 -0.41
CA VAL A 197 -6.60 5.34 0.02
C VAL A 197 -6.38 5.43 1.53
N GLN A 198 -6.18 6.66 2.03
CA GLN A 198 -5.72 6.89 3.39
C GLN A 198 -6.63 6.37 4.54
N PRO A 199 -7.92 6.65 4.44
CA PRO A 199 -8.85 6.12 5.45
C PRO A 199 -8.93 4.58 5.45
N ILE A 200 -8.91 3.98 4.26
CA ILE A 200 -8.85 2.53 4.10
C ILE A 200 -7.57 1.98 4.78
N ALA A 201 -6.41 2.59 4.51
CA ALA A 201 -5.17 2.08 5.09
C ALA A 201 -5.31 2.22 6.60
N ARG A 202 -5.91 3.35 7.01
CA ARG A 202 -6.07 3.60 8.46
C ARG A 202 -6.87 2.51 9.14
N GLU A 203 -7.97 2.12 8.50
CA GLU A 203 -8.75 1.00 9.08
C GLU A 203 -7.99 -0.33 9.09
N LEU A 204 -7.13 -0.56 8.10
CA LEU A 204 -6.46 -1.80 8.04
C LEU A 204 -5.37 -1.85 9.11
N HIS A 205 -4.81 -0.67 9.39
CA HIS A 205 -3.79 -0.50 10.39
C HIS A 205 -4.40 -0.81 11.73
N GLN A 206 -5.54 -0.17 11.99
CA GLN A 206 -6.25 -0.43 13.26
C GLN A 206 -6.52 -1.93 13.34
N PHE A 207 -7.03 -2.49 12.22
CA PHE A 207 -7.41 -3.93 12.19
C PHE A 207 -6.23 -4.89 12.43
N THR A 208 -5.12 -4.67 11.72
CA THR A 208 -3.96 -5.57 11.82
C THR A 208 -3.28 -5.47 13.19
N PHE A 209 -3.20 -4.24 13.68
CA PHE A 209 -2.73 -4.02 15.01
C PHE A 209 -3.56 -4.80 16.05
N ASP A 210 -4.89 -4.58 16.06
CA ASP A 210 -5.71 -5.36 17.04
C ASP A 210 -5.47 -6.83 16.86
N LEU A 211 -5.32 -7.25 15.60
CA LEU A 211 -5.27 -8.65 15.30
C LEU A 211 -3.98 -9.27 15.84
N LEU A 212 -2.87 -8.58 15.64
CA LEU A 212 -1.58 -9.00 16.12
C LEU A 212 -1.60 -9.13 17.66
N ILE A 213 -2.08 -8.08 18.34
CA ILE A 213 -2.22 -8.08 19.78
C ILE A 213 -2.84 -9.38 20.24
N LYS A 214 -3.87 -9.84 19.56
CA LYS A 214 -4.64 -10.99 20.05
C LYS A 214 -4.33 -12.26 19.30
N SER A 215 -3.36 -12.20 18.39
CA SER A 215 -3.17 -13.29 17.40
C SER A 215 -2.87 -14.67 17.95
N HIS A 216 -2.19 -14.74 19.10
CA HIS A 216 -1.90 -16.03 19.76
C HIS A 216 -3.23 -16.74 20.14
N MET A 217 -4.20 -15.97 20.64
CA MET A 217 -5.54 -16.48 20.93
C MET A 217 -6.33 -16.96 19.69
N VAL A 218 -6.00 -16.46 18.51
CA VAL A 218 -6.81 -16.82 17.35
C VAL A 218 -5.97 -17.62 16.35
N SER A 219 -4.80 -18.10 16.79
CA SER A 219 -3.90 -18.86 15.90
C SER A 219 -3.71 -18.21 14.53
N VAL A 220 -3.42 -16.89 14.54
CA VAL A 220 -3.06 -16.22 13.32
C VAL A 220 -1.57 -15.98 13.35
N ASP A 221 -0.89 -16.43 12.29
CA ASP A 221 0.55 -16.22 12.16
C ASP A 221 0.93 -14.89 11.49
N PHE A 222 1.83 -14.17 12.17
CA PHE A 222 2.46 -12.97 11.66
C PHE A 222 3.91 -13.30 11.44
N PRO A 223 4.40 -13.23 10.18
CA PRO A 223 5.84 -13.33 9.91
C PRO A 223 6.64 -12.18 10.53
N GLU A 224 7.95 -12.24 10.43
CA GLU A 224 8.81 -11.58 11.42
C GLU A 224 8.87 -10.08 11.27
N MET A 225 9.01 -9.65 10.05
CA MET A 225 9.11 -8.26 9.71
C MET A 225 7.75 -7.55 9.89
N MET A 226 6.66 -8.23 9.48
CA MET A 226 5.28 -7.83 9.70
C MET A 226 5.03 -7.63 11.20
N ALA A 227 5.50 -8.55 12.06
CA ALA A 227 5.24 -8.45 13.47
C ALA A 227 5.87 -7.19 14.02
N GLU A 228 7.09 -6.90 13.58
CA GLU A 228 7.86 -5.87 14.18
C GLU A 228 7.39 -4.52 13.71
N ILE A 229 7.19 -4.39 12.40
CA ILE A 229 6.54 -3.18 11.85
C ILE A 229 5.21 -2.84 12.51
N ILE A 230 4.34 -3.85 12.63
CA ILE A 230 3.00 -3.61 13.12
C ILE A 230 3.01 -3.19 14.60
N SER A 231 4.04 -3.60 15.32
CA SER A 231 4.13 -3.32 16.72
C SER A 231 4.99 -2.09 16.98
N VAL A 232 5.89 -1.73 16.06
CA VAL A 232 6.79 -0.61 16.31
C VAL A 232 6.39 0.66 15.52
N GLN A 233 5.93 0.46 14.30
CA GLN A 233 5.78 1.59 13.42
C GLN A 233 4.34 1.97 13.34
N VAL A 234 3.48 0.97 13.10
CA VAL A 234 2.03 1.13 13.01
C VAL A 234 1.43 1.88 14.22
N PRO A 235 1.92 1.58 15.47
CA PRO A 235 1.30 2.38 16.56
C PRO A 235 1.73 3.88 16.53
N LYS A 236 2.88 4.20 15.94
CA LYS A 236 3.18 5.62 15.79
C LYS A 236 2.10 6.30 14.91
N ILE A 237 1.50 5.56 13.99
CA ILE A 237 0.41 6.15 13.17
C ILE A 237 -0.89 6.20 13.99
N LEU A 238 -1.26 5.08 14.60
CA LEU A 238 -2.51 4.98 15.36
C LEU A 238 -2.56 5.99 16.50
N SER A 239 -1.42 6.29 17.11
CA SER A 239 -1.31 7.22 18.26
C SER A 239 -1.22 8.67 17.79
N GLY A 240 -1.10 8.86 16.48
CA GLY A 240 -1.14 10.20 15.90
C GLY A 240 0.22 10.88 15.73
N LYS A 241 1.37 10.20 16.05
CA LYS A 241 2.68 10.75 15.80
C LYS A 241 3.03 10.84 14.32
N VAL A 242 2.36 10.02 13.50
CA VAL A 242 2.67 9.95 12.07
C VAL A 242 1.37 10.09 11.33
N LYS A 243 1.28 10.95 10.35
CA LYS A 243 -0.03 11.18 9.74
C LYS A 243 0.06 11.25 8.23
N PRO A 244 -1.04 10.93 7.52
CA PRO A 244 -0.94 10.99 6.08
C PRO A 244 -0.87 12.41 5.64
N ILE A 245 -0.43 12.60 4.42
CA ILE A 245 -0.45 13.88 3.75
C ILE A 245 -1.66 13.86 2.81
N TYR A 246 -2.63 14.70 3.10
CA TYR A 246 -3.85 14.77 2.29
C TYR A 246 -3.71 15.87 1.28
N PHE A 247 -4.12 15.60 0.07
CA PHE A 247 -4.26 16.70 -0.87
C PHE A 247 -5.35 17.66 -0.43
N HIS A 248 -6.56 17.15 -0.22
CA HIS A 248 -7.74 17.99 0.06
C HIS A 248 -8.03 17.93 1.54
N THR A 249 -8.81 18.89 2.01
CA THR A 249 -8.94 19.08 3.45
C THR A 249 -10.26 18.50 4.02
N SER B 3 16.44 -3.47 13.84
CA SER B 3 15.19 -4.18 13.45
C SER B 3 15.39 -5.24 12.33
N ALA B 4 14.50 -6.24 12.21
CA ALA B 4 14.46 -7.11 11.01
C ALA B 4 14.36 -6.30 9.69
N PHE B 5 13.50 -5.27 9.67
CA PHE B 5 13.49 -4.34 8.51
C PHE B 5 14.84 -3.63 8.19
N SER B 6 15.44 -2.92 9.14
CA SER B 6 16.71 -2.18 8.86
C SER B 6 17.90 -3.07 8.49
N ARG B 7 17.93 -4.28 9.08
CA ARG B 7 19.01 -5.22 8.79
C ARG B 7 18.86 -5.69 7.36
N TYR B 8 17.66 -6.14 7.02
CA TYR B 8 17.33 -6.43 5.64
C TYR B 8 17.57 -5.21 4.70
N TYR B 9 17.14 -4.02 5.08
CA TYR B 9 17.23 -2.87 4.18
C TYR B 9 18.65 -2.52 3.90
N THR B 10 19.46 -2.48 4.96
CA THR B 10 20.88 -2.22 4.83
C THR B 10 21.69 -3.49 4.91
#